data_2VPE
#
_entry.id   2VPE
#
_cell.length_a   105.720
_cell.length_b   105.720
_cell.length_c   51.430
_cell.angle_alpha   90.00
_cell.angle_beta   90.00
_cell.angle_gamma   90.00
#
_symmetry.space_group_name_H-M   'P 4 21 2'
#
loop_
_entity.id
_entity.type
_entity.pdbx_description
1 polymer 'PYGOPUS HOMOLOG 1'
2 polymer 'B-CELL CLL/LYMPHOMA 9 PROTEIN'
3 polymer 'HISTONE H3 TAIL'
4 non-polymer GLYCEROL
5 non-polymer 'ZINC ION'
6 water water
#
loop_
_entity_poly.entity_id
_entity_poly.type
_entity_poly.pdbx_seq_one_letter_code
_entity_poly.pdbx_strand_id
1 'polypeptide(L)' GAMAVYPCGICTNEVNDDQDAILCEASCQKWFHRICTGMTETAYGLLTAEASAVWGCDTCMAD A,C
2 'polypeptide(L)' GAMVYVFSTEMANKAAEAVLKGQVETIVSFHI B,D
3 'polypeptide(L)' ART(MLY)QTA P,R
#
# COMPACT_ATOMS: atom_id res chain seq x y z
N MET A 3 -3.81 -1.34 22.57
CA MET A 3 -3.94 -0.22 21.57
C MET A 3 -2.57 0.27 21.11
N ALA A 4 -2.43 0.41 19.80
CA ALA A 4 -1.13 0.72 19.21
C ALA A 4 -0.71 2.15 19.53
N VAL A 5 0.58 2.31 19.76
CA VAL A 5 1.19 3.59 20.06
C VAL A 5 1.63 4.21 18.74
N TYR A 6 2.11 3.35 17.84
CA TYR A 6 2.54 3.75 16.52
C TYR A 6 1.86 2.83 15.50
N PRO A 7 0.56 3.04 15.26
CA PRO A 7 -0.13 2.21 14.25
C PRO A 7 0.47 2.42 12.86
N CYS A 8 0.74 1.32 12.16
CA CYS A 8 1.27 1.40 10.81
C CYS A 8 0.39 2.24 9.91
N GLY A 9 1.00 3.18 9.20
CA GLY A 9 0.29 4.07 8.27
C GLY A 9 -0.51 3.29 7.21
N ILE A 10 -0.09 2.05 6.93
CA ILE A 10 -0.79 1.22 5.94
C ILE A 10 -1.73 0.20 6.57
N CYS A 11 -1.21 -0.68 7.43
CA CYS A 11 -2.02 -1.81 7.90
C CYS A 11 -2.72 -1.54 9.23
N THR A 12 -2.32 -0.45 9.91
CA THR A 12 -2.87 -0.04 11.24
C THR A 12 -2.43 -0.87 12.45
N ASN A 13 -1.69 -1.96 12.21
CA ASN A 13 -1.15 -2.75 13.30
C ASN A 13 0.04 -2.01 13.90
N GLU A 14 0.30 -2.27 15.18
CA GLU A 14 1.40 -1.66 15.89
C GLU A 14 2.73 -1.85 15.15
N VAL A 15 3.52 -0.78 15.10
CA VAL A 15 4.87 -0.86 14.60
C VAL A 15 5.79 -1.04 15.80
N ASN A 16 6.28 -2.27 15.98
CA ASN A 16 7.16 -2.63 17.11
C ASN A 16 8.64 -2.30 16.83
N ASP A 17 9.46 -2.22 17.87
CA ASP A 17 10.89 -1.89 17.67
C ASP A 17 11.70 -2.99 16.99
N ASP A 18 11.23 -4.22 17.08
CA ASP A 18 11.91 -5.36 16.48
C ASP A 18 11.41 -5.69 15.06
N GLN A 19 10.63 -4.80 14.46
CA GLN A 19 10.16 -4.95 13.08
C GLN A 19 10.87 -3.94 12.18
N ASP A 20 11.15 -4.31 10.92
CA ASP A 20 11.65 -3.33 9.94
C ASP A 20 10.52 -2.34 9.72
N ALA A 21 10.80 -1.07 9.93
CA ALA A 21 9.78 -0.04 9.78
C ALA A 21 10.47 1.30 9.63
N ILE A 22 9.80 2.20 8.96
CA ILE A 22 10.37 3.51 8.58
C ILE A 22 9.35 4.62 8.90
N LEU A 23 9.89 5.78 9.28
CA LEU A 23 9.07 6.94 9.61
C LEU A 23 8.91 7.81 8.36
N CYS A 24 7.67 8.20 8.05
CA CYS A 24 7.43 9.13 6.96
C CYS A 24 7.87 10.52 7.43
N GLU A 25 9.14 10.80 7.28
CA GLU A 25 9.67 12.13 7.69
C GLU A 25 9.37 13.21 6.67
N ALA A 26 9.00 12.79 5.46
CA ALA A 26 8.64 13.74 4.39
C ALA A 26 7.43 14.59 4.77
N SER A 27 6.50 13.99 5.51
CA SER A 27 5.27 14.69 5.82
C SER A 27 4.48 14.18 7.02
N CYS A 28 3.86 13.01 6.89
CA CYS A 28 2.77 12.65 7.81
C CYS A 28 3.24 12.14 9.16
N GLN A 29 4.53 11.81 9.27
CA GLN A 29 5.13 11.33 10.53
C GLN A 29 4.50 10.05 11.14
N LYS A 30 3.82 9.26 10.33
CA LYS A 30 3.43 7.91 10.75
C LYS A 30 4.60 6.97 10.52
N TRP A 31 4.67 5.91 11.34
CA TRP A 31 5.56 4.79 11.09
C TRP A 31 4.89 3.79 10.13
N PHE A 32 5.71 3.14 9.30
CA PHE A 32 5.19 2.18 8.34
C PHE A 32 6.08 0.95 8.39
N HIS A 33 5.49 -0.23 8.52
CA HIS A 33 6.26 -1.49 8.35
C HIS A 33 6.91 -1.47 6.96
N ARG A 34 8.18 -1.85 6.89
CA ARG A 34 8.89 -1.96 5.60
C ARG A 34 8.09 -2.81 4.61
N ILE A 35 7.64 -3.97 5.08
CA ILE A 35 6.89 -4.89 4.21
C ILE A 35 5.63 -4.23 3.63
N CYS A 36 4.87 -3.54 4.48
CA CYS A 36 3.66 -2.85 4.03
C CYS A 36 3.93 -1.87 2.87
N THR A 37 5.07 -1.21 2.93
CA THR A 37 5.40 -0.18 1.94
C THR A 37 5.86 -0.78 0.60
N GLY A 38 6.24 -2.06 0.60
CA GLY A 38 6.83 -2.66 -0.60
C GLY A 38 8.30 -2.32 -0.75
N MET A 39 8.91 -1.76 0.30
CA MET A 39 10.34 -1.42 0.29
C MET A 39 11.20 -2.68 0.49
N THR A 40 12.24 -2.83 -0.34
CA THR A 40 13.12 -4.00 -0.21
C THR A 40 14.01 -3.87 1.02
N GLU A 41 14.50 -5.01 1.49
CA GLU A 41 15.50 -5.04 2.56
C GLU A 41 16.68 -4.12 2.22
N THR A 42 17.14 -4.19 0.96
CA THR A 42 18.28 -3.39 0.58
C THR A 42 17.97 -1.89 0.61
N ALA A 43 16.79 -1.50 0.13
CA ALA A 43 16.39 -0.09 0.16
C ALA A 43 16.30 0.40 1.61
N TYR A 44 15.76 -0.47 2.47
CA TYR A 44 15.63 -0.18 3.91
C TYR A 44 17.00 0.06 4.60
N GLY A 45 17.98 -0.81 4.30
CA GLY A 45 19.35 -0.65 4.83
C GLY A 45 20.00 0.61 4.28
N LEU A 46 19.72 0.91 3.01
CA LEU A 46 20.30 2.09 2.38
C LEU A 46 19.75 3.37 3.04
N LEU A 47 18.43 3.45 3.15
CA LEU A 47 17.80 4.62 3.78
C LEU A 47 18.24 4.79 5.22
N THR A 48 18.41 3.68 5.95
CA THR A 48 18.94 3.73 7.32
C THR A 48 20.33 4.41 7.36
N ALA A 49 21.18 4.03 6.41
CA ALA A 49 22.59 4.49 6.34
C ALA A 49 22.77 5.91 5.82
N GLU A 50 21.76 6.42 5.13
CA GLU A 50 21.78 7.75 4.55
C GLU A 50 21.31 8.78 5.58
N ALA A 51 22.28 9.33 6.31
CA ALA A 51 21.98 10.33 7.33
C ALA A 51 21.22 11.54 6.80
N SER A 52 21.43 11.91 5.54
CA SER A 52 20.76 13.07 4.94
C SER A 52 19.47 12.75 4.18
N ALA A 53 19.15 11.46 4.07
CA ALA A 53 17.96 11.05 3.35
C ALA A 53 16.78 10.89 4.30
N VAL A 54 15.60 11.20 3.81
CA VAL A 54 14.35 10.87 4.51
C VAL A 54 13.45 10.21 3.49
N TRP A 55 12.46 9.48 4.00
CA TRP A 55 11.51 8.78 3.18
C TRP A 55 10.13 9.40 3.36
N GLY A 56 9.36 9.39 2.27
CA GLY A 56 7.94 9.74 2.27
C GLY A 56 7.07 8.63 1.77
N CYS A 57 5.91 8.42 2.41
CA CYS A 57 4.98 7.38 2.00
C CYS A 57 4.35 7.78 0.66
N ASP A 58 3.74 6.81 -0.01
CA ASP A 58 3.15 7.04 -1.33
C ASP A 58 2.14 8.19 -1.33
N THR A 59 1.32 8.25 -0.28
CA THR A 59 0.29 9.31 -0.15
C THR A 59 0.94 10.69 -0.07
N CYS A 60 1.92 10.83 0.82
CA CYS A 60 2.64 12.07 1.00
C CYS A 60 3.43 12.51 -0.22
N MET A 61 4.05 11.54 -0.92
CA MET A 61 4.87 11.86 -2.10
C MET A 61 3.99 12.32 -3.27
N ALA A 62 2.81 11.73 -3.35
CA ALA A 62 1.82 12.08 -4.38
C ALA A 62 1.29 13.51 -4.21
N ASP A 63 1.21 13.98 -2.96
CA ASP A 63 0.77 15.35 -2.65
C ASP A 63 1.75 16.38 -3.20
N GLY B 1 25.31 17.08 7.19
CA GLY B 1 24.94 18.29 6.42
C GLY B 1 23.50 18.75 6.62
N ALA B 2 23.20 19.93 6.09
CA ALA B 2 21.91 20.56 6.25
C ALA B 2 20.88 20.11 5.22
N MET B 3 21.36 19.70 4.04
CA MET B 3 20.49 19.24 2.96
C MET B 3 19.69 17.99 3.38
N VAL B 4 18.49 17.88 2.85
CA VAL B 4 17.62 16.71 3.09
C VAL B 4 17.14 16.16 1.76
N TYR B 5 17.50 14.93 1.46
CA TYR B 5 17.14 14.31 0.19
C TYR B 5 15.97 13.33 0.38
N VAL B 6 14.88 13.58 -0.32
CA VAL B 6 13.62 12.90 -0.06
C VAL B 6 13.35 11.78 -1.07
N PHE B 7 13.26 10.56 -0.53
CA PHE B 7 13.02 9.35 -1.35
C PHE B 7 11.61 8.81 -1.21
N SER B 8 10.98 8.49 -2.32
CA SER B 8 9.83 7.61 -2.32
C SER B 8 10.31 6.17 -2.21
N THR B 9 9.36 5.27 -1.98
CA THR B 9 9.69 3.84 -1.93
C THR B 9 10.25 3.39 -3.28
N GLU B 10 9.59 3.82 -4.35
CA GLU B 10 10.02 3.49 -5.71
C GLU B 10 11.46 3.95 -5.95
N MET B 11 11.75 5.20 -5.60
CA MET B 11 13.09 5.72 -5.77
C MET B 11 14.13 5.01 -4.90
N ALA B 12 13.77 4.70 -3.65
CA ALA B 12 14.68 4.01 -2.74
C ALA B 12 15.01 2.60 -3.27
N ASN B 13 13.97 1.89 -3.73
CA ASN B 13 14.16 0.54 -4.28
C ASN B 13 15.09 0.57 -5.48
N LYS B 14 14.85 1.53 -6.36
CA LYS B 14 15.68 1.70 -7.58
C LYS B 14 17.11 2.09 -7.22
N ALA B 15 17.26 3.08 -6.33
CA ALA B 15 18.58 3.50 -5.87
C ALA B 15 19.37 2.35 -5.28
N ALA B 16 18.68 1.54 -4.46
CA ALA B 16 19.27 0.42 -3.74
C ALA B 16 19.86 -0.59 -4.74
N GLU B 17 19.11 -0.90 -5.79
CA GLU B 17 19.60 -1.86 -6.78
C GLU B 17 20.83 -1.30 -7.50
N ALA B 18 20.82 0.00 -7.77
CA ALA B 18 21.93 0.65 -8.47
C ALA B 18 23.18 0.69 -7.60
N VAL B 19 23.00 0.97 -6.31
CA VAL B 19 24.11 0.98 -5.36
C VAL B 19 24.86 -0.34 -5.36
N LEU B 20 24.12 -1.44 -5.41
CA LEU B 20 24.75 -2.76 -5.47
C LEU B 20 25.61 -2.97 -6.72
N LYS B 21 25.25 -2.25 -7.79
CA LYS B 21 25.95 -2.31 -9.09
C LYS B 21 27.05 -1.24 -9.20
N GLY B 22 27.15 -0.40 -8.17
CA GLY B 22 28.20 0.61 -8.08
C GLY B 22 27.79 1.94 -8.70
N GLN B 23 26.52 2.04 -9.07
CA GLN B 23 25.94 3.28 -9.57
C GLN B 23 25.33 4.06 -8.40
N VAL B 24 26.08 5.04 -7.90
CA VAL B 24 25.71 5.69 -6.65
C VAL B 24 25.26 7.15 -6.82
N GLU B 25 25.34 7.67 -8.05
CA GLU B 25 25.07 9.09 -8.30
C GLU B 25 23.63 9.40 -8.62
N THR B 26 23.13 10.49 -8.06
CA THR B 26 21.83 11.01 -8.43
C THR B 26 21.94 12.53 -8.59
N ILE B 27 21.25 13.05 -9.59
CA ILE B 27 21.36 14.47 -9.94
C ILE B 27 20.29 15.31 -9.25
N VAL B 28 20.75 16.28 -8.46
CA VAL B 28 19.88 17.16 -7.71
C VAL B 28 19.17 18.14 -8.64
N SER B 29 17.87 18.33 -8.41
CA SER B 29 17.10 19.38 -9.10
C SER B 29 16.00 19.95 -8.22
N PHE B 30 15.74 21.24 -8.39
CA PHE B 30 14.61 21.97 -7.76
C PHE B 30 14.75 23.46 -8.01
N GLY C 1 -3.37 -32.25 7.53
CA GLY C 1 -1.94 -31.88 7.36
C GLY C 1 -1.73 -30.37 7.46
N ALA C 2 -2.58 -29.61 6.78
CA ALA C 2 -2.42 -28.16 6.65
C ALA C 2 -3.74 -27.40 6.76
N MET C 3 -3.66 -26.15 7.21
CA MET C 3 -4.78 -25.20 7.18
C MET C 3 -4.55 -24.14 6.10
N ALA C 4 -5.62 -23.71 5.45
CA ALA C 4 -5.54 -22.67 4.42
C ALA C 4 -5.00 -21.37 5.02
N VAL C 5 -3.99 -20.78 4.38
CA VAL C 5 -3.52 -19.45 4.83
C VAL C 5 -3.38 -18.55 3.61
N TYR C 6 -4.06 -17.41 3.67
CA TYR C 6 -4.07 -16.41 2.61
C TYR C 6 -3.42 -15.16 3.16
N PRO C 7 -2.13 -14.98 2.89
CA PRO C 7 -1.44 -13.76 3.34
C PRO C 7 -1.93 -12.56 2.58
N CYS C 8 -2.12 -11.44 3.29
CA CYS C 8 -2.51 -10.19 2.64
C CYS C 8 -1.41 -9.78 1.67
N GLY C 9 -1.80 -9.46 0.42
CA GLY C 9 -0.83 -9.10 -0.62
C GLY C 9 -0.03 -7.83 -0.30
N ILE C 10 -0.47 -7.09 0.72
CA ILE C 10 0.23 -5.86 1.12
C ILE C 10 1.01 -6.08 2.43
N CYS C 11 0.33 -6.42 3.52
CA CYS C 11 1.03 -6.51 4.80
C CYS C 11 1.62 -7.89 5.08
N THR C 12 1.15 -8.90 4.34
CA THR C 12 1.56 -10.32 4.49
C THR C 12 1.00 -11.02 5.73
N ASN C 13 0.27 -10.30 6.57
CA ASN C 13 -0.40 -10.96 7.70
C ASN C 13 -1.58 -11.74 7.14
N GLU C 14 -1.98 -12.78 7.86
CA GLU C 14 -3.07 -13.63 7.42
C GLU C 14 -4.35 -12.81 7.21
N VAL C 15 -5.09 -13.12 6.15
CA VAL C 15 -6.40 -12.57 5.91
C VAL C 15 -7.41 -13.59 6.46
N ASN C 16 -8.13 -13.19 7.50
CA ASN C 16 -9.08 -14.12 8.14
C ASN C 16 -10.50 -13.79 7.68
N ASP C 17 -11.39 -14.76 7.82
CA ASP C 17 -12.76 -14.60 7.33
C ASP C 17 -13.55 -13.49 8.04
N ASP C 18 -13.11 -13.13 9.24
CA ASP C 18 -13.77 -12.07 10.01
C ASP C 18 -13.15 -10.68 9.80
N GLN C 19 -12.25 -10.56 8.83
CA GLN C 19 -11.71 -9.26 8.46
C GLN C 19 -12.29 -8.80 7.14
N ASP C 20 -12.44 -7.49 6.97
CA ASP C 20 -12.79 -6.92 5.67
C ASP C 20 -11.59 -7.19 4.76
N ALA C 21 -11.83 -7.89 3.65
CA ALA C 21 -10.76 -8.22 2.70
C ALA C 21 -11.36 -8.51 1.35
N ILE C 22 -10.56 -8.28 0.31
CA ILE C 22 -11.04 -8.39 -1.06
C ILE C 22 -10.04 -9.21 -1.88
N LEU C 23 -10.58 -9.98 -2.81
CA LEU C 23 -9.77 -10.79 -3.71
C LEU C 23 -9.37 -10.01 -4.94
N CYS C 24 -8.09 -10.07 -5.29
CA CYS C 24 -7.65 -9.45 -6.54
C CYS C 24 -8.06 -10.38 -7.67
N GLU C 25 -9.27 -10.19 -8.16
CA GLU C 25 -9.77 -10.99 -9.26
C GLU C 25 -9.29 -10.47 -10.61
N ALA C 26 -8.72 -9.27 -10.62
CA ALA C 26 -8.19 -8.68 -11.84
C ALA C 26 -7.04 -9.51 -12.38
N SER C 27 -6.19 -10.00 -11.48
CA SER C 27 -5.05 -10.79 -11.92
C SER C 27 -4.52 -11.78 -10.91
N CYS C 28 -3.96 -11.28 -9.82
CA CYS C 28 -3.08 -12.08 -8.96
C CYS C 28 -3.77 -13.09 -8.04
N GLN C 29 -5.09 -12.98 -7.87
CA GLN C 29 -5.87 -13.87 -6.98
C GLN C 29 -5.34 -13.99 -5.54
N LYS C 30 -4.68 -12.94 -5.06
CA LYS C 30 -4.32 -12.83 -3.66
C LYS C 30 -5.42 -12.05 -2.95
N TRP C 31 -5.58 -12.35 -1.67
CA TRP C 31 -6.47 -11.58 -0.80
C TRP C 31 -5.72 -10.37 -0.19
N PHE C 32 -6.46 -9.30 0.05
CA PHE C 32 -5.90 -8.09 0.60
C PHE C 32 -6.83 -7.54 1.66
N HIS C 33 -6.30 -7.22 2.84
CA HIS C 33 -7.12 -6.47 3.82
C HIS C 33 -7.64 -5.19 3.21
N ARG C 34 -8.94 -4.92 3.42
CA ARG C 34 -9.52 -3.64 2.97
C ARG C 34 -8.68 -2.45 3.47
N ILE C 35 -8.30 -2.50 4.74
CA ILE C 35 -7.57 -1.39 5.36
C ILE C 35 -6.23 -1.17 4.66
N CYS C 36 -5.52 -2.27 4.38
CA CYS C 36 -4.24 -2.16 3.70
C CYS C 36 -4.29 -1.48 2.33
N THR C 37 -5.36 -1.77 1.59
CA THR C 37 -5.51 -1.23 0.22
C THR C 37 -5.86 0.25 0.22
N GLY C 38 -6.38 0.72 1.35
CA GLY C 38 -6.83 2.10 1.44
C GLY C 38 -8.25 2.25 0.91
N MET C 39 -8.94 1.12 0.72
CA MET C 39 -10.35 1.12 0.30
C MET C 39 -11.28 1.53 1.44
N THR C 40 -12.22 2.43 1.15
CA THR C 40 -13.18 2.85 2.17
C THR C 40 -14.18 1.75 2.45
N GLU C 41 -14.84 1.86 3.60
CA GLU C 41 -15.86 0.88 3.96
C GLU C 41 -17.05 0.89 2.97
N THR C 42 -17.41 2.06 2.46
N THR C 42 -17.40 2.07 2.48
CA THR C 42 -18.53 2.14 1.51
CA THR C 42 -18.50 2.18 1.52
C THR C 42 -18.16 1.55 0.13
C THR C 42 -18.11 1.46 0.22
N ALA C 43 -16.92 1.76 -0.29
CA ALA C 43 -16.37 1.11 -1.51
C ALA C 43 -16.41 -0.41 -1.39
N TYR C 44 -15.98 -0.92 -0.24
CA TYR C 44 -15.99 -2.34 0.05
C TYR C 44 -17.41 -2.95 -0.04
N GLY C 45 -18.40 -2.31 0.58
CA GLY C 45 -19.80 -2.82 0.50
C GLY C 45 -20.34 -2.78 -0.93
N LEU C 46 -20.02 -1.70 -1.63
CA LEU C 46 -20.38 -1.51 -3.04
C LEU C 46 -19.80 -2.61 -3.94
N LEU C 47 -18.49 -2.87 -3.81
CA LEU C 47 -17.87 -3.89 -4.64
C LEU C 47 -18.42 -5.27 -4.31
N THR C 48 -18.72 -5.50 -3.04
CA THR C 48 -19.33 -6.76 -2.64
C THR C 48 -20.68 -6.93 -3.36
N ALA C 49 -21.41 -5.83 -3.50
CA ALA C 49 -22.79 -5.86 -4.01
C ALA C 49 -22.84 -5.87 -5.55
N GLU C 50 -21.76 -5.44 -6.19
CA GLU C 50 -21.71 -5.37 -7.66
C GLU C 50 -21.27 -6.72 -8.24
N ALA C 51 -22.26 -7.52 -8.63
CA ALA C 51 -22.02 -8.86 -9.13
C ALA C 51 -21.03 -8.91 -10.31
N SER C 52 -21.06 -7.87 -11.13
CA SER C 52 -20.29 -7.80 -12.39
C SER C 52 -18.96 -7.07 -12.23
N ALA C 53 -18.71 -6.56 -11.03
CA ALA C 53 -17.49 -5.82 -10.78
C ALA C 53 -16.43 -6.72 -10.20
N VAL C 54 -15.18 -6.47 -10.57
CA VAL C 54 -14.03 -7.08 -9.90
C VAL C 54 -13.06 -5.97 -9.51
N TRP C 55 -12.17 -6.31 -8.57
CA TRP C 55 -11.17 -5.36 -8.10
C TRP C 55 -9.79 -5.91 -8.44
N GLY C 56 -8.89 -4.98 -8.78
CA GLY C 56 -7.46 -5.29 -8.95
C GLY C 56 -6.62 -4.48 -7.98
N CYS C 57 -5.62 -5.12 -7.41
CA CYS C 57 -4.65 -4.44 -6.54
C CYS C 57 -3.80 -3.46 -7.36
N ASP C 58 -3.17 -2.51 -6.69
CA ASP C 58 -2.41 -1.46 -7.40
C ASP C 58 -1.36 -2.03 -8.35
N THR C 59 -0.67 -3.09 -7.92
CA THR C 59 0.35 -3.72 -8.77
C THR C 59 -0.28 -4.25 -10.05
N CYS C 60 -1.36 -5.02 -9.92
CA CYS C 60 -1.98 -5.63 -11.09
C CYS C 60 -2.58 -4.60 -12.01
N MET C 61 -3.15 -3.55 -11.43
CA MET C 61 -3.72 -2.46 -12.22
C MET C 61 -2.65 -1.72 -13.03
N ALA C 62 -1.53 -1.37 -12.39
CA ALA C 62 -0.46 -0.59 -13.03
C ALA C 62 0.08 -1.26 -14.29
N GLY D 1 -24.34 -10.44 -15.97
CA GLY D 1 -24.09 -10.37 -17.43
C GLY D 1 -22.72 -10.94 -17.82
N ALA D 2 -22.29 -10.67 -19.04
CA ALA D 2 -21.02 -11.17 -19.55
C ALA D 2 -19.85 -10.25 -19.21
N MET D 3 -20.11 -8.95 -19.10
CA MET D 3 -19.05 -7.96 -18.96
C MET D 3 -18.47 -8.03 -17.54
N VAL D 4 -17.19 -7.72 -17.45
CA VAL D 4 -16.50 -7.65 -16.15
C VAL D 4 -15.92 -6.26 -16.01
N TYR D 5 -16.39 -5.54 -14.98
CA TYR D 5 -16.04 -4.13 -14.82
C TYR D 5 -14.95 -4.04 -13.77
N VAL D 6 -13.76 -3.58 -14.16
CA VAL D 6 -12.57 -3.71 -13.30
C VAL D 6 -12.24 -2.39 -12.61
N PHE D 7 -12.29 -2.42 -11.28
CA PHE D 7 -12.01 -1.26 -10.45
C PHE D 7 -10.65 -1.38 -9.75
N SER D 8 -9.87 -0.30 -9.82
CA SER D 8 -8.77 -0.12 -8.88
C SER D 8 -9.36 0.39 -7.56
N THR D 9 -8.54 0.42 -6.50
CA THR D 9 -9.02 0.99 -5.23
C THR D 9 -9.45 2.47 -5.40
N GLU D 10 -8.62 3.24 -6.12
CA GLU D 10 -8.89 4.65 -6.37
C GLU D 10 -10.27 4.82 -7.02
N MET D 11 -10.55 4.01 -8.04
CA MET D 11 -11.85 4.08 -8.71
C MET D 11 -13.02 3.55 -7.86
N ALA D 12 -12.78 2.53 -7.02
CA ALA D 12 -13.81 1.98 -6.17
C ALA D 12 -14.21 3.02 -5.10
N ASN D 13 -13.20 3.73 -4.60
CA ASN D 13 -13.41 4.79 -3.63
C ASN D 13 -14.19 5.96 -4.22
N LYS D 14 -13.76 6.45 -5.39
CA LYS D 14 -14.54 7.46 -6.15
C LYS D 14 -15.97 7.03 -6.46
N ALA D 15 -16.15 5.82 -7.00
CA ALA D 15 -17.47 5.29 -7.28
C ALA D 15 -18.37 5.29 -6.04
N ALA D 16 -17.83 4.80 -4.92
CA ALA D 16 -18.61 4.70 -3.68
C ALA D 16 -19.14 6.06 -3.23
N GLU D 17 -18.27 7.07 -3.26
CA GLU D 17 -18.67 8.46 -3.00
C GLU D 17 -19.80 8.91 -3.92
N ALA D 18 -19.60 8.72 -5.22
CA ALA D 18 -20.54 9.15 -6.24
C ALA D 18 -21.92 8.49 -6.08
N VAL D 19 -21.94 7.20 -5.74
CA VAL D 19 -23.19 6.47 -5.53
C VAL D 19 -24.01 7.06 -4.37
N LEU D 20 -23.31 7.52 -3.33
CA LEU D 20 -23.97 8.14 -2.19
C LEU D 20 -24.65 9.45 -2.63
N LYS D 21 -23.96 10.19 -3.49
CA LYS D 21 -24.51 11.41 -4.07
C LYS D 21 -25.54 11.15 -5.18
N GLY D 22 -25.75 9.88 -5.52
CA GLY D 22 -26.67 9.51 -6.60
C GLY D 22 -26.12 9.68 -8.01
N GLN D 23 -24.81 9.93 -8.12
CA GLN D 23 -24.15 10.00 -9.42
C GLN D 23 -23.58 8.62 -9.79
N VAL D 24 -24.44 7.76 -10.29
CA VAL D 24 -24.13 6.32 -10.40
C VAL D 24 -23.43 5.88 -11.72
N GLU D 25 -23.23 6.83 -12.64
CA GLU D 25 -22.82 6.52 -14.02
C GLU D 25 -21.32 6.56 -14.26
N THR D 26 -20.86 5.73 -15.19
CA THR D 26 -19.49 5.75 -15.69
C THR D 26 -19.45 5.32 -17.16
N ILE D 27 -18.66 6.01 -17.97
CA ILE D 27 -18.62 5.80 -19.41
C ILE D 27 -17.64 4.68 -19.77
N VAL D 28 -18.17 3.62 -20.37
CA VAL D 28 -17.36 2.47 -20.79
C VAL D 28 -16.34 2.86 -21.88
N SER D 29 -15.09 2.49 -21.60
CA SER D 29 -13.88 2.92 -22.29
C SER D 29 -13.85 2.61 -23.78
N ALA E 1 17.79 8.25 6.99
CA ALA E 1 16.32 8.22 7.30
C ALA E 1 16.10 7.47 8.61
N ARG E 2 15.10 7.91 9.36
N ARG E 2 15.12 7.92 9.38
CA ARG E 2 14.76 7.29 10.64
CA ARG E 2 14.80 7.26 10.63
C ARG E 2 14.03 5.95 10.45
C ARG E 2 14.06 5.94 10.39
N THR E 3 14.69 4.86 10.83
CA THR E 3 14.05 3.53 10.78
C THR E 3 14.22 2.85 12.12
N GLN E 5 16.11 0.38 12.34
CA GLN E 5 17.52 -0.07 12.25
C GLN E 5 18.46 1.07 12.69
N THR E 6 17.93 2.30 12.79
CA THR E 6 18.68 3.50 13.19
C THR E 6 19.37 3.31 14.55
N ALA E 7 20.67 3.61 14.60
CA ALA E 7 21.48 3.40 15.80
C ALA E 7 21.03 4.26 16.99
N ALA F 1 -17.85 -8.22 -6.86
CA ALA F 1 -16.42 -8.57 -6.50
C ALA F 1 -16.40 -9.48 -5.28
N ARG F 2 -15.52 -10.47 -5.30
CA ARG F 2 -15.41 -11.42 -4.19
C ARG F 2 -14.69 -10.81 -2.98
N THR F 3 -15.42 -10.72 -1.87
CA THR F 3 -14.87 -10.19 -0.63
C THR F 3 -15.24 -11.13 0.50
N GLN F 5 -17.23 -10.48 2.68
CA GLN F 5 -18.64 -10.16 2.94
C GLN F 5 -19.56 -10.90 1.95
N THR F 6 -18.97 -11.48 0.89
CA THR F 6 -19.72 -12.25 -0.10
C THR F 6 -20.44 -13.44 0.53
N ALA F 7 -21.68 -13.68 0.11
CA ALA F 7 -22.47 -14.85 0.54
C ALA F 7 -22.14 -16.07 -0.32
#